data_4OJX
#
_entry.id   4OJX
#
_cell.length_a   73.674
_cell.length_b   85.162
_cell.length_c   130.836
_cell.angle_alpha   90.00
_cell.angle_beta   90.00
_cell.angle_gamma   90.00
#
_symmetry.space_group_name_H-M   'C 2 2 21'
#
loop_
_entity.id
_entity.type
_entity.pdbx_description
1 polymer "3',5'-cyclic-nucleotide phosphodiesterase 1"
2 non-polymer (4S)-2-METHYL-2,4-PENTANEDIOL
3 non-polymer "GUANOSINE-5'-MONOPHOSPHATE"
4 non-polymer 'ZINC ION'
5 water water
#
_entity_poly.entity_id   1
_entity_poly.type   'polypeptide(L)'
_entity_poly.pdbx_seq_one_letter_code
;MVVFEITILGANGGPTEYGTQCFILKPARTEDPELIAVDGGAGMYQLREMLVQGRNENEGDDELVPSFYEHDREPIEFFI
DSKLNIQKGLSKSLLQSLKRQGEHFESANTMKKTYEVFQGITDYYITHPHLDHISGLVVNSPSIYEQENSKKKTIWGLPH
TIDVLQKHVFNDLIWPDLTAERSRKLKLKCLNPKEVQKCTIFPWDVIPFKVHHGIGVKTGAPVYSTFYIFRDRKSKDCII
VCGDVEQDRRESEESLLEEFWSYVAENIPLVHLKGILVECSCPLSSKPEQLYGHLSPIYLINELSNLNTLYNSSKGLSGL
NVIVTHVKSTPAKRDPRLTILEELRFLAEERNLGDLRISIALEGHTLFL
;
_entity_poly.pdbx_strand_id   A
#
# COMPACT_ATOMS: atom_id res chain seq x y z
N MET A 1 -8.46 13.98 15.21
CA MET A 1 -7.30 14.23 14.30
C MET A 1 -7.15 13.10 13.28
N VAL A 2 -7.24 11.86 13.75
CA VAL A 2 -7.12 10.69 12.87
C VAL A 2 -8.30 10.61 11.90
N VAL A 3 -7.98 10.44 10.63
CA VAL A 3 -8.94 10.42 9.55
C VAL A 3 -8.97 9.06 8.84
N PHE A 4 -7.81 8.41 8.75
CA PHE A 4 -7.67 7.16 7.99
C PHE A 4 -7.27 6.00 8.87
N GLU A 5 -7.84 4.82 8.58
CA GLU A 5 -7.33 3.56 9.13
C GLU A 5 -6.74 2.77 7.97
N ILE A 6 -5.49 2.37 8.12
CA ILE A 6 -4.78 1.62 7.08
C ILE A 6 -4.41 0.26 7.64
N THR A 7 -5.00 -0.81 7.09
CA THR A 7 -4.65 -2.16 7.49
C THR A 7 -3.54 -2.67 6.58
N ILE A 8 -2.41 -3.03 7.15
CA ILE A 8 -1.29 -3.54 6.36
C ILE A 8 -1.47 -5.04 6.19
N LEU A 9 -1.97 -5.46 5.04
CA LEU A 9 -2.10 -6.89 4.77
C LEU A 9 -0.79 -7.49 4.31
N GLY A 10 -0.06 -6.73 3.50
CA GLY A 10 1.21 -7.21 2.97
C GLY A 10 2.13 -6.05 2.70
N ALA A 11 3.38 -6.19 3.15
CA ALA A 11 4.39 -5.17 2.89
C ALA A 11 5.71 -5.79 2.44
N ASN A 12 5.66 -7.06 2.03
CA ASN A 12 6.85 -7.81 1.61
C ASN A 12 7.18 -7.51 0.16
N GLY A 13 8.42 -7.14 -0.14
CA GLY A 13 8.85 -6.87 -1.51
C GLY A 13 9.28 -8.09 -2.31
N GLY A 14 9.28 -9.26 -1.69
CA GLY A 14 9.81 -10.48 -2.31
C GLY A 14 11.25 -10.71 -1.89
N PRO A 15 11.83 -11.85 -2.29
CA PRO A 15 11.26 -12.83 -3.20
C PRO A 15 10.39 -13.88 -2.54
N THR A 16 10.30 -13.93 -1.20
CA THR A 16 9.30 -14.82 -0.61
C THR A 16 7.91 -14.34 -1.05
N GLU A 17 6.99 -15.27 -1.20
CA GLU A 17 5.82 -15.05 -2.04
C GLU A 17 4.54 -14.69 -1.27
N TYR A 18 4.60 -14.74 0.05
CA TYR A 18 3.42 -14.39 0.83
C TYR A 18 3.55 -13.03 1.49
N GLY A 19 2.41 -12.39 1.71
CA GLY A 19 2.38 -11.11 2.36
C GLY A 19 2.89 -10.00 1.46
N THR A 20 2.72 -10.16 0.15
CA THR A 20 3.15 -9.12 -0.79
C THR A 20 2.12 -7.97 -0.80
N GLN A 21 2.44 -6.91 -1.50
CA GLN A 21 1.84 -5.59 -1.23
C GLN A 21 0.31 -5.54 -1.30
N CYS A 22 -0.30 -5.13 -0.20
CA CYS A 22 -1.73 -4.82 -0.15
C CYS A 22 -2.04 -4.05 1.11
N PHE A 23 -2.72 -2.90 0.96
CA PHE A 23 -3.14 -2.09 2.10
C PHE A 23 -4.64 -1.88 2.01
N ILE A 24 -5.35 -2.07 3.11
CA ILE A 24 -6.77 -1.79 3.17
C ILE A 24 -6.99 -0.41 3.78
N LEU A 25 -7.90 0.36 3.20
CA LEU A 25 -8.22 1.71 3.71
C LEU A 25 -9.68 1.82 4.07
N LYS A 26 -9.95 2.55 5.16
CA LYS A 26 -11.31 2.97 5.49
C LYS A 26 -11.25 4.24 6.33
N PRO A 27 -12.35 4.98 6.40
CA PRO A 27 -12.39 6.11 7.33
C PRO A 27 -12.23 5.65 8.77
N ALA A 28 -11.59 6.47 9.58
CA ALA A 28 -11.47 6.17 11.00
C ALA A 28 -12.85 6.09 11.66
N ARG A 29 -12.95 5.17 12.62
CA ARG A 29 -14.06 5.10 13.59
C ARG A 29 -15.38 4.54 13.06
N THR A 30 -15.72 4.82 11.82
CA THR A 30 -17.03 4.42 11.31
C THR A 30 -17.09 2.92 11.03
N GLU A 31 -18.29 2.35 10.98
CA GLU A 31 -18.43 0.89 11.02
C GLU A 31 -19.10 0.26 9.80
N ASP A 32 -19.11 0.97 8.69
CA ASP A 32 -19.57 0.39 7.43
C ASP A 32 -18.71 -0.82 7.08
N PRO A 33 -19.29 -1.82 6.40
CA PRO A 33 -18.48 -2.97 5.97
C PRO A 33 -17.56 -2.69 4.79
N GLU A 34 -17.78 -1.59 4.09
CA GLU A 34 -17.04 -1.30 2.87
C GLU A 34 -15.58 -0.96 3.13
N LEU A 35 -14.71 -1.45 2.25
CA LEU A 35 -13.28 -1.30 2.36
C LEU A 35 -12.69 -1.06 0.99
N ILE A 36 -11.63 -0.26 0.93
CA ILE A 36 -10.82 -0.09 -0.28
C ILE A 36 -9.52 -0.85 -0.11
N ALA A 37 -9.03 -1.48 -1.18
CA ALA A 37 -7.70 -2.04 -1.18
C ALA A 37 -6.81 -1.24 -2.12
N VAL A 38 -5.59 -0.96 -1.68
CA VAL A 38 -4.56 -0.48 -2.60
C VAL A 38 -3.62 -1.65 -2.84
N ASP A 39 -3.51 -2.02 -4.11
CA ASP A 39 -2.85 -3.24 -4.53
C ASP A 39 -3.55 -4.49 -4.04
N GLY A 40 -3.02 -5.64 -4.45
CA GLY A 40 -3.75 -6.88 -4.37
C GLY A 40 -2.87 -8.08 -4.20
N GLY A 41 -1.78 -7.91 -3.43
CA GLY A 41 -0.96 -9.04 -3.00
C GLY A 41 -1.69 -9.78 -1.88
N ALA A 42 -1.21 -9.68 -0.65
CA ALA A 42 -1.88 -10.34 0.49
C ALA A 42 -3.35 -9.93 0.60
N GLY A 43 -4.25 -10.92 0.76
CA GLY A 43 -5.71 -10.69 0.76
C GLY A 43 -6.47 -11.51 1.80
N MET A 44 -7.42 -12.34 1.35
CA MET A 44 -8.22 -13.16 2.26
C MET A 44 -7.42 -13.94 3.30
N TYR A 45 -6.34 -14.57 2.86
CA TYR A 45 -5.55 -15.39 3.77
C TYR A 45 -5.05 -14.54 4.94
N GLN A 46 -4.62 -13.33 4.64
CA GLN A 46 -4.08 -12.46 5.67
C GLN A 46 -5.17 -11.90 6.58
N LEU A 47 -6.33 -11.57 6.01
CA LEU A 47 -7.46 -11.17 6.83
C LEU A 47 -7.82 -12.26 7.84
N ARG A 48 -7.82 -13.51 7.38
CA ARG A 48 -8.08 -14.65 8.25
C ARG A 48 -7.05 -14.74 9.39
N GLU A 49 -5.78 -14.58 9.06
CA GLU A 49 -4.71 -14.59 10.07
C GLU A 49 -4.94 -13.51 11.12
N MET A 50 -5.32 -12.33 10.67
CA MET A 50 -5.55 -11.20 11.57
C MET A 50 -6.76 -11.43 12.47
N LEU A 51 -7.78 -12.10 11.95
CA LEU A 51 -8.94 -12.47 12.75
C LEU A 51 -8.52 -13.43 13.88
N VAL A 52 -7.71 -14.44 13.55
CA VAL A 52 -7.25 -15.45 14.51
C VAL A 52 -6.31 -14.87 15.57
N GLN A 53 -5.30 -14.12 15.14
CA GLN A 53 -4.29 -13.57 16.06
C GLN A 53 -4.88 -12.52 17.00
N GLY A 54 -6.01 -11.95 16.60
CA GLY A 54 -6.82 -11.10 17.49
C GLY A 54 -7.56 -11.93 18.53
N ASP A 61 1.56 -4.22 25.58
CA ASP A 61 2.12 -5.60 25.58
C ASP A 61 3.52 -5.64 24.95
N ASP A 62 4.23 -6.74 25.19
CA ASP A 62 5.56 -6.96 24.64
C ASP A 62 5.46 -7.68 23.29
N GLU A 63 4.83 -7.02 22.32
CA GLU A 63 4.57 -7.65 21.03
C GLU A 63 5.83 -7.98 20.24
N LEU A 64 5.89 -9.20 19.71
CA LEU A 64 6.96 -9.64 18.82
C LEU A 64 6.39 -9.86 17.43
N VAL A 65 7.15 -9.47 16.42
CA VAL A 65 6.72 -9.66 15.02
C VAL A 65 7.69 -10.57 14.27
N PRO A 66 7.22 -11.26 13.22
CA PRO A 66 8.15 -12.13 12.49
C PRO A 66 9.32 -11.37 11.88
N SER A 67 10.48 -12.03 11.85
CA SER A 67 11.69 -11.42 11.28
C SER A 67 12.47 -12.44 10.46
N PHE A 68 13.01 -13.46 11.14
CA PHE A 68 13.73 -14.60 10.56
C PHE A 68 15.21 -14.35 10.26
N TYR A 69 15.77 -13.31 10.88
CA TYR A 69 17.19 -13.00 10.73
C TYR A 69 17.89 -13.31 12.04
N GLU A 70 18.42 -12.29 12.72
CA GLU A 70 19.05 -12.54 14.02
C GLU A 70 18.13 -13.31 14.98
N HIS A 71 16.83 -13.01 14.93
CA HIS A 71 15.83 -13.78 15.65
C HIS A 71 14.67 -14.05 14.74
N ASP A 72 13.98 -15.15 15.00
CA ASP A 72 12.78 -15.44 14.24
C ASP A 72 11.65 -14.43 14.53
N ARG A 73 11.63 -13.87 15.72
CA ARG A 73 10.68 -12.81 16.08
C ARG A 73 11.43 -11.67 16.75
N GLU A 74 11.00 -10.44 16.51
CA GLU A 74 11.64 -9.25 17.06
C GLU A 74 10.62 -8.29 17.65
N PRO A 75 11.01 -7.54 18.69
CA PRO A 75 10.15 -6.52 19.29
C PRO A 75 9.61 -5.54 18.25
N ILE A 76 8.30 -5.31 18.28
CA ILE A 76 7.64 -4.42 17.33
C ILE A 76 8.26 -3.03 17.33
N GLU A 77 8.63 -2.53 18.50
CA GLU A 77 9.09 -1.15 18.61
C GLU A 77 10.37 -0.87 17.82
N PHE A 78 11.14 -1.92 17.53
CA PHE A 78 12.37 -1.76 16.77
C PHE A 78 12.09 -1.25 15.35
N PHE A 79 10.88 -1.49 14.84
CA PHE A 79 10.58 -1.23 13.42
C PHE A 79 9.84 0.07 13.19
N ILE A 80 9.45 0.77 14.26
CA ILE A 80 8.53 1.88 14.10
C ILE A 80 8.99 3.12 14.86
N ASP A 81 8.51 4.28 14.40
CA ASP A 81 8.71 5.52 15.14
C ASP A 81 7.87 5.44 16.42
N SER A 82 8.43 5.95 17.51
CA SER A 82 7.78 5.85 18.82
C SER A 82 6.42 6.56 18.91
N LYS A 83 6.16 7.48 17.99
CA LYS A 83 4.90 8.24 17.99
C LYS A 83 3.83 7.66 17.08
N LEU A 84 4.14 6.56 16.39
CA LEU A 84 3.21 5.98 15.43
C LEU A 84 2.00 5.39 16.12
N ASN A 85 0.81 5.78 15.64
CA ASN A 85 -0.44 5.25 16.13
C ASN A 85 -0.72 3.95 15.38
N ILE A 86 -0.42 2.84 16.04
CA ILE A 86 -0.49 1.52 15.44
C ILE A 86 -1.12 0.53 16.42
N GLN A 87 -1.91 -0.41 15.90
CA GLN A 87 -2.45 -1.49 16.71
C GLN A 87 -2.28 -2.81 15.99
N LYS A 88 -2.09 -3.89 16.74
CA LYS A 88 -2.13 -5.22 16.17
C LYS A 88 -3.57 -5.59 15.82
N GLY A 89 -3.75 -6.26 14.69
CA GLY A 89 -5.04 -6.76 14.28
C GLY A 89 -5.90 -5.76 13.55
N LEU A 90 -7.13 -6.17 13.27
CA LEU A 90 -8.12 -5.32 12.63
C LEU A 90 -8.68 -4.35 13.65
N SER A 91 -9.08 -3.17 13.19
CA SER A 91 -9.56 -2.15 14.09
C SER A 91 -10.92 -2.51 14.67
N LYS A 92 -11.21 -1.92 15.83
CA LYS A 92 -12.52 -2.12 16.45
C LYS A 92 -13.65 -1.77 15.48
N SER A 93 -13.49 -0.67 14.75
CA SER A 93 -14.55 -0.21 13.86
C SER A 93 -14.75 -1.15 12.68
N LEU A 94 -13.65 -1.69 12.15
CA LEU A 94 -13.73 -2.70 11.09
C LEU A 94 -14.44 -3.97 11.59
N LEU A 95 -14.09 -4.42 12.79
CA LEU A 95 -14.69 -5.63 13.38
C LEU A 95 -16.17 -5.42 13.73
N GLN A 96 -16.52 -4.18 14.11
CA GLN A 96 -17.90 -3.86 14.51
C GLN A 96 -18.92 -4.21 13.43
N SER A 97 -18.53 -4.11 12.16
CA SER A 97 -19.42 -4.48 11.05
C SER A 97 -19.85 -5.96 11.09
N LEU A 98 -19.01 -6.81 11.68
CA LEU A 98 -19.34 -8.22 11.92
C LEU A 98 -20.15 -8.39 13.20
N LYS A 99 -19.89 -7.54 14.19
CA LYS A 99 -20.51 -7.64 15.52
C LYS A 99 -21.87 -6.95 15.59
N ARG A 100 -22.37 -6.50 14.44
CA ARG A 100 -23.70 -5.91 14.34
C ARG A 100 -24.76 -6.95 14.72
N GLN A 101 -24.44 -8.22 14.41
CA GLN A 101 -25.28 -9.35 14.79
C GLN A 101 -24.56 -10.13 15.89
N GLY A 102 -25.08 -10.01 17.12
CA GLY A 102 -24.44 -10.60 18.31
C GLY A 102 -24.12 -12.07 18.21
N GLU A 103 -25.16 -12.91 18.21
CA GLU A 103 -24.99 -14.37 18.15
C GLU A 103 -24.38 -14.84 16.83
N HIS A 104 -24.77 -14.20 15.72
CA HIS A 104 -24.27 -14.57 14.39
C HIS A 104 -22.76 -14.48 14.31
N PHE A 105 -22.21 -13.36 14.77
CA PHE A 105 -20.76 -13.18 14.86
C PHE A 105 -20.09 -14.31 15.64
N GLU A 106 -20.59 -14.55 16.85
CA GLU A 106 -20.06 -15.58 17.77
C GLU A 106 -20.06 -16.96 17.16
N SER A 107 -21.13 -17.27 16.43
CA SER A 107 -21.31 -18.61 15.87
C SER A 107 -20.65 -18.81 14.51
N ALA A 108 -20.26 -17.71 13.86
CA ALA A 108 -19.53 -17.79 12.58
C ALA A 108 -18.12 -18.25 12.83
N ASN A 109 -17.69 -19.30 12.13
CA ASN A 109 -16.31 -19.74 12.28
C ASN A 109 -15.34 -18.77 11.61
N THR A 110 -14.04 -18.99 11.81
CA THR A 110 -13.04 -18.07 11.30
C THR A 110 -13.12 -17.93 9.78
N MET A 111 -13.35 -19.05 9.08
CA MET A 111 -13.48 -19.00 7.64
C MET A 111 -14.67 -18.14 7.21
N LYS A 112 -15.81 -18.33 7.86
CA LYS A 112 -17.00 -17.56 7.56
C LYS A 112 -16.77 -16.08 7.81
N LYS A 113 -16.13 -15.74 8.94
CA LYS A 113 -15.81 -14.34 9.23
C LYS A 113 -14.93 -13.74 8.14
N THR A 114 -13.98 -14.54 7.64
CA THR A 114 -13.07 -14.10 6.59
C THR A 114 -13.85 -13.75 5.32
N TYR A 115 -14.73 -14.66 4.90
CA TYR A 115 -15.60 -14.37 3.75
C TYR A 115 -16.42 -13.09 3.98
N GLU A 116 -16.98 -12.94 5.18
CA GLU A 116 -17.82 -11.76 5.45
C GLU A 116 -17.03 -10.46 5.37
N VAL A 117 -15.86 -10.40 6.03
CA VAL A 117 -15.04 -9.19 5.97
C VAL A 117 -14.65 -8.92 4.54
N PHE A 118 -14.24 -9.98 3.84
CA PHE A 118 -13.70 -9.81 2.52
C PHE A 118 -14.74 -9.35 1.49
N GLN A 119 -16.00 -9.72 1.70
CA GLN A 119 -17.10 -9.26 0.85
C GLN A 119 -17.16 -7.73 0.80
N GLY A 120 -16.71 -7.08 1.87
CA GLY A 120 -16.69 -5.63 1.94
C GLY A 120 -15.59 -4.95 1.15
N ILE A 121 -14.55 -5.71 0.74
CA ILE A 121 -13.43 -5.18 -0.05
C ILE A 121 -13.90 -5.15 -1.50
N THR A 122 -14.49 -4.01 -1.87
CA THR A 122 -15.17 -3.88 -3.17
C THR A 122 -14.50 -2.99 -4.22
N ASP A 123 -13.46 -2.24 -3.86
CA ASP A 123 -12.70 -1.48 -4.85
C ASP A 123 -11.21 -1.73 -4.58
N TYR A 124 -10.48 -2.08 -5.62
CA TYR A 124 -9.01 -2.17 -5.58
C TYR A 124 -8.44 -1.07 -6.44
N TYR A 125 -7.40 -0.41 -5.95
CA TYR A 125 -6.63 0.55 -6.72
C TYR A 125 -5.27 -0.08 -6.92
N ILE A 126 -5.00 -0.54 -8.13
CA ILE A 126 -3.79 -1.31 -8.42
C ILE A 126 -2.74 -0.37 -8.96
N THR A 127 -1.53 -0.48 -8.42
CA THR A 127 -0.45 0.41 -8.82
C THR A 127 0.24 -0.01 -10.11
N HIS A 128 0.43 -1.31 -10.27
CA HIS A 128 1.02 -1.89 -11.47
C HIS A 128 0.75 -3.37 -11.45
N PRO A 129 0.83 -4.04 -12.61
CA PRO A 129 0.35 -5.41 -12.70
C PRO A 129 1.40 -6.49 -12.45
N HIS A 130 2.55 -6.15 -11.88
CA HIS A 130 3.48 -7.20 -11.46
C HIS A 130 2.78 -8.16 -10.52
N LEU A 131 3.10 -9.44 -10.67
CA LEU A 131 2.31 -10.48 -10.02
C LEU A 131 2.21 -10.32 -8.50
N ASP A 132 3.27 -9.84 -7.85
CA ASP A 132 3.26 -9.64 -6.39
C ASP A 132 2.22 -8.62 -5.94
N HIS A 133 1.71 -7.79 -6.86
CA HIS A 133 0.72 -6.77 -6.54
C HIS A 133 -0.67 -7.17 -6.90
N ILE A 134 -0.85 -8.38 -7.45
CA ILE A 134 -2.17 -8.81 -7.89
C ILE A 134 -2.51 -10.25 -7.52
N SER A 135 -1.59 -11.01 -6.94
CA SER A 135 -1.80 -12.44 -6.73
C SER A 135 -3.01 -12.76 -5.84
N GLY A 136 -3.19 -11.99 -4.75
CA GLY A 136 -4.34 -12.20 -3.88
C GLY A 136 -5.63 -11.74 -4.52
N LEU A 137 -5.62 -10.58 -5.15
CA LEU A 137 -6.77 -10.13 -5.91
C LEU A 137 -7.25 -11.25 -6.85
N VAL A 138 -6.33 -11.86 -7.58
CA VAL A 138 -6.69 -12.86 -8.56
C VAL A 138 -7.20 -14.13 -7.89
N VAL A 139 -6.41 -14.71 -7.01
CA VAL A 139 -6.79 -16.00 -6.43
C VAL A 139 -8.06 -15.87 -5.57
N ASN A 140 -8.23 -14.72 -4.91
CA ASN A 140 -9.40 -14.48 -4.07
C ASN A 140 -10.68 -14.25 -4.89
N SER A 141 -10.53 -13.85 -6.15
CA SER A 141 -11.67 -13.33 -6.92
C SER A 141 -12.90 -14.26 -7.04
N PRO A 142 -12.71 -15.59 -7.08
CA PRO A 142 -13.93 -16.43 -7.18
C PRO A 142 -14.85 -16.35 -5.96
N SER A 143 -14.36 -15.80 -4.85
CA SER A 143 -15.22 -15.58 -3.68
C SER A 143 -16.43 -14.72 -4.02
N ILE A 144 -16.33 -13.88 -5.06
CA ILE A 144 -17.41 -13.00 -5.47
C ILE A 144 -18.68 -13.80 -5.83
N TYR A 145 -18.51 -15.08 -6.16
CA TYR A 145 -19.62 -15.93 -6.59
C TYR A 145 -20.27 -16.78 -5.50
N GLU A 146 -19.86 -16.58 -4.25
CA GLU A 146 -20.44 -17.32 -3.13
C GLU A 146 -21.92 -17.02 -2.86
N GLN A 147 -22.36 -15.81 -3.23
CA GLN A 147 -23.74 -15.38 -2.97
C GLN A 147 -24.38 -14.74 -4.19
N GLU A 148 -25.71 -14.90 -4.31
CA GLU A 148 -26.46 -14.34 -5.43
C GLU A 148 -26.67 -12.84 -5.27
N ASN A 149 -26.92 -12.40 -4.03
CA ASN A 149 -27.01 -10.97 -3.70
C ASN A 149 -25.63 -10.40 -3.38
N SER A 150 -24.70 -10.60 -4.31
CA SER A 150 -23.29 -10.32 -4.10
C SER A 150 -22.92 -8.85 -4.19
N LYS A 151 -21.99 -8.44 -3.34
CA LYS A 151 -21.32 -7.15 -3.49
C LYS A 151 -20.33 -7.28 -4.63
N LYS A 152 -20.46 -6.42 -5.64
CA LYS A 152 -19.59 -6.45 -6.82
C LYS A 152 -18.27 -5.74 -6.56
N LYS A 153 -17.20 -6.25 -7.16
CA LYS A 153 -15.87 -5.65 -6.99
C LYS A 153 -15.37 -5.00 -8.27
N THR A 154 -14.68 -3.88 -8.10
CA THR A 154 -14.11 -3.11 -9.19
C THR A 154 -12.61 -2.97 -8.98
N ILE A 155 -11.88 -3.23 -10.05
CA ILE A 155 -10.42 -3.08 -10.08
C ILE A 155 -10.14 -1.81 -10.89
N TRP A 156 -9.51 -0.83 -10.25
CA TRP A 156 -9.17 0.45 -10.86
C TRP A 156 -7.70 0.55 -11.10
N GLY A 157 -7.31 1.28 -12.14
CA GLY A 157 -5.91 1.54 -12.39
C GLY A 157 -5.74 2.47 -13.57
N LEU A 158 -4.51 2.93 -13.76
CA LEU A 158 -4.14 3.64 -14.97
C LEU A 158 -4.13 2.64 -16.14
N PRO A 159 -4.16 3.14 -17.40
CA PRO A 159 -4.13 2.21 -18.54
C PRO A 159 -2.99 1.16 -18.57
N HIS A 160 -1.77 1.51 -18.16
CA HIS A 160 -0.64 0.55 -18.18
C HIS A 160 -0.90 -0.63 -17.29
N THR A 161 -1.85 -0.46 -16.37
CA THR A 161 -2.23 -1.51 -15.45
C THR A 161 -3.45 -2.27 -15.96
N ILE A 162 -4.51 -1.55 -16.29
CA ILE A 162 -5.75 -2.20 -16.69
C ILE A 162 -5.62 -3.01 -17.98
N ASP A 163 -4.93 -2.45 -18.97
CA ASP A 163 -4.76 -3.14 -20.23
C ASP A 163 -4.02 -4.46 -20.01
N VAL A 164 -3.00 -4.45 -19.17
CA VAL A 164 -2.23 -5.64 -18.89
C VAL A 164 -3.08 -6.69 -18.16
N LEU A 165 -3.89 -6.25 -17.19
CA LEU A 165 -4.77 -7.19 -16.50
C LEU A 165 -5.75 -7.86 -17.46
N GLN A 166 -6.31 -7.07 -18.38
CA GLN A 166 -7.28 -7.61 -19.32
C GLN A 166 -6.63 -8.62 -20.26
N LYS A 167 -5.46 -8.29 -20.77
CA LYS A 167 -4.81 -9.11 -21.81
C LYS A 167 -4.09 -10.32 -21.24
N HIS A 168 -3.47 -10.14 -20.08
CA HIS A 168 -2.51 -11.12 -19.57
C HIS A 168 -2.93 -11.89 -18.35
N VAL A 169 -3.99 -11.44 -17.69
CA VAL A 169 -4.45 -12.11 -16.46
C VAL A 169 -5.84 -12.70 -16.63
N PHE A 170 -6.83 -11.83 -16.84
CA PHE A 170 -8.22 -12.28 -16.96
C PHE A 170 -8.48 -12.64 -18.42
N ASN A 171 -7.87 -13.75 -18.83
CA ASN A 171 -7.79 -14.09 -20.26
C ASN A 171 -8.03 -15.57 -20.53
N ASP A 172 -8.60 -16.28 -19.56
CA ASP A 172 -8.89 -17.71 -19.70
C ASP A 172 -7.66 -18.61 -19.84
N LEU A 173 -6.49 -18.03 -19.58
CA LEU A 173 -5.23 -18.76 -19.64
C LEU A 173 -4.51 -18.70 -18.28
N ILE A 174 -4.21 -17.48 -17.84
CA ILE A 174 -3.64 -17.25 -16.51
C ILE A 174 -4.72 -17.33 -15.43
N TRP A 175 -5.94 -16.92 -15.79
CA TRP A 175 -7.07 -16.96 -14.88
C TRP A 175 -8.31 -16.98 -15.70
N PRO A 176 -9.36 -17.68 -15.24
CA PRO A 176 -10.64 -17.53 -15.93
C PRO A 176 -11.02 -16.07 -16.08
N ASP A 177 -11.58 -15.70 -17.22
CA ASP A 177 -11.89 -14.30 -17.47
C ASP A 177 -13.19 -13.94 -16.76
N LEU A 178 -13.09 -13.65 -15.48
CA LEU A 178 -14.26 -13.36 -14.66
C LEU A 178 -14.90 -12.05 -15.06
N THR A 179 -14.16 -11.18 -15.75
CA THR A 179 -14.76 -9.93 -16.23
C THR A 179 -15.79 -10.16 -17.35
N ALA A 180 -15.73 -11.33 -17.99
CA ALA A 180 -16.62 -11.68 -19.10
C ALA A 180 -17.92 -12.33 -18.64
N GLU A 181 -18.01 -12.68 -17.36
CA GLU A 181 -19.24 -13.18 -16.75
C GLU A 181 -20.31 -12.08 -16.83
N ARG A 182 -21.51 -12.44 -17.30
CA ARG A 182 -22.55 -11.46 -17.60
C ARG A 182 -23.06 -10.64 -16.40
N SER A 183 -22.93 -11.19 -15.20
CA SER A 183 -23.38 -10.50 -13.99
C SER A 183 -22.45 -9.34 -13.63
N ARG A 184 -21.27 -9.32 -14.25
CA ARG A 184 -20.30 -8.23 -14.08
C ARG A 184 -19.97 -7.96 -12.61
N LYS A 185 -19.84 -9.04 -11.85
CA LYS A 185 -19.49 -8.96 -10.43
C LYS A 185 -18.02 -8.59 -10.22
N LEU A 186 -17.21 -8.72 -11.27
CA LEU A 186 -15.85 -8.21 -11.28
C LEU A 186 -15.68 -7.33 -12.51
N LYS A 187 -15.31 -6.08 -12.29
CA LYS A 187 -15.13 -5.10 -13.36
C LYS A 187 -13.74 -4.50 -13.33
N LEU A 188 -13.22 -4.17 -14.51
CA LEU A 188 -11.98 -3.40 -14.66
C LEU A 188 -12.32 -1.99 -15.13
N LYS A 189 -11.81 -0.98 -14.45
CA LYS A 189 -12.09 0.41 -14.82
C LYS A 189 -10.83 1.24 -14.83
N CYS A 190 -10.70 2.07 -15.85
CA CYS A 190 -9.55 2.94 -16.00
C CYS A 190 -9.72 4.27 -15.27
N LEU A 191 -8.60 4.80 -14.80
CA LEU A 191 -8.52 6.14 -14.24
C LEU A 191 -7.65 6.99 -15.14
N ASN A 192 -7.95 8.28 -15.21
CA ASN A 192 -7.09 9.22 -15.91
C ASN A 192 -6.02 9.77 -14.97
N PRO A 193 -4.77 9.83 -15.45
CA PRO A 193 -3.70 10.35 -14.61
C PRO A 193 -3.90 11.83 -14.27
N LYS A 194 -3.51 12.20 -13.06
CA LYS A 194 -3.49 13.60 -12.59
C LYS A 194 -4.87 14.20 -12.35
N GLU A 195 -5.92 13.40 -12.52
CA GLU A 195 -7.28 13.90 -12.40
C GLU A 195 -7.91 13.45 -11.10
N VAL A 196 -8.57 14.40 -10.43
CA VAL A 196 -9.29 14.15 -9.20
C VAL A 196 -10.52 13.34 -9.55
N GLN A 197 -10.53 12.11 -9.08
CA GLN A 197 -11.64 11.21 -9.32
C GLN A 197 -12.28 10.85 -7.97
N LYS A 198 -13.48 10.31 -8.00
CA LYS A 198 -14.19 10.08 -6.75
C LYS A 198 -14.19 8.62 -6.35
N CYS A 199 -14.00 8.36 -5.06
CA CYS A 199 -14.21 7.01 -4.53
C CYS A 199 -15.70 6.70 -4.54
N THR A 200 -16.03 5.42 -4.62
CA THR A 200 -17.41 4.99 -4.82
C THR A 200 -18.27 5.10 -3.56
N ILE A 201 -17.69 4.80 -2.41
CA ILE A 201 -18.48 4.80 -1.18
C ILE A 201 -18.02 5.88 -0.21
N PHE A 202 -16.71 5.94 0.05
CA PHE A 202 -16.21 6.92 1.00
C PHE A 202 -16.20 8.30 0.38
N PRO A 203 -16.36 9.35 1.20
CA PRO A 203 -16.39 10.72 0.69
C PRO A 203 -14.95 11.22 0.46
N TRP A 204 -14.25 10.51 -0.41
CA TRP A 204 -12.85 10.75 -0.68
C TRP A 204 -12.61 10.99 -2.13
N ASP A 205 -11.59 11.80 -2.42
CA ASP A 205 -11.03 11.92 -3.75
C ASP A 205 -9.88 10.93 -3.90
N VAL A 206 -9.75 10.38 -5.10
CA VAL A 206 -8.57 9.60 -5.46
C VAL A 206 -7.88 10.28 -6.64
N ILE A 207 -6.57 10.48 -6.52
CA ILE A 207 -5.80 11.17 -7.55
C ILE A 207 -4.58 10.32 -7.90
N PRO A 208 -4.59 9.70 -9.09
CA PRO A 208 -3.49 8.82 -9.47
C PRO A 208 -2.44 9.51 -10.33
N PHE A 209 -1.18 9.15 -10.12
CA PHE A 209 -0.07 9.71 -10.88
C PHE A 209 0.83 8.60 -11.35
N LYS A 210 1.27 8.70 -12.60
CA LYS A 210 2.16 7.72 -13.17
C LYS A 210 3.59 7.99 -12.73
N VAL A 211 4.33 6.91 -12.42
CA VAL A 211 5.73 6.99 -12.05
C VAL A 211 6.51 5.89 -12.80
N HIS A 212 7.84 5.95 -12.72
CA HIS A 212 8.71 4.94 -13.34
C HIS A 212 9.09 3.83 -12.41
N HIS A 213 9.25 2.64 -12.98
CA HIS A 213 9.55 1.42 -12.22
C HIS A 213 10.42 0.50 -13.05
N GLY A 214 11.49 1.07 -13.60
CA GLY A 214 12.50 0.27 -14.30
C GLY A 214 12.21 0.10 -15.76
N ILE A 215 12.83 -0.92 -16.35
CA ILE A 215 12.69 -1.18 -17.78
C ILE A 215 12.54 -2.68 -18.02
N GLY A 216 11.92 -3.03 -19.14
CA GLY A 216 11.78 -4.43 -19.51
C GLY A 216 13.13 -5.10 -19.72
N VAL A 217 13.26 -6.35 -19.27
CA VAL A 217 14.47 -7.11 -19.48
C VAL A 217 14.69 -7.39 -20.97
N LYS A 218 13.65 -7.87 -21.64
CA LYS A 218 13.74 -8.16 -23.07
C LYS A 218 13.49 -6.91 -23.88
N THR A 219 12.47 -6.14 -23.52
CA THR A 219 12.03 -5.07 -24.39
C THR A 219 12.78 -3.77 -24.18
N GLY A 220 13.45 -3.60 -23.04
CA GLY A 220 14.03 -2.31 -22.69
C GLY A 220 13.03 -1.18 -22.53
N ALA A 221 11.73 -1.50 -22.57
CA ALA A 221 10.66 -0.51 -22.49
C ALA A 221 10.52 0.02 -21.06
N PRO A 222 10.27 1.33 -20.87
CA PRO A 222 9.97 1.81 -19.52
C PRO A 222 8.78 1.03 -18.95
N VAL A 223 8.92 0.67 -17.68
CA VAL A 223 7.87 -0.01 -16.92
C VAL A 223 7.27 1.03 -15.99
N TYR A 224 5.95 1.16 -16.01
CA TYR A 224 5.29 2.21 -15.25
C TYR A 224 4.60 1.68 -14.00
N SER A 225 4.45 2.57 -13.02
CA SER A 225 3.74 2.29 -11.81
C SER A 225 2.87 3.52 -11.49
N THR A 226 2.29 3.53 -10.29
CA THR A 226 1.32 4.56 -9.92
C THR A 226 1.51 4.94 -8.47
N PHE A 227 1.36 6.23 -8.19
CA PHE A 227 1.16 6.73 -6.83
C PHE A 227 -0.30 7.15 -6.73
N TYR A 228 -0.94 6.81 -5.61
CA TYR A 228 -2.31 7.25 -5.35
C TYR A 228 -2.38 8.22 -4.20
N ILE A 229 -3.03 9.37 -4.42
CA ILE A 229 -3.41 10.26 -3.32
C ILE A 229 -4.87 9.98 -2.97
N PHE A 230 -5.13 9.74 -1.70
CA PHE A 230 -6.50 9.68 -1.18
C PHE A 230 -6.72 10.89 -0.28
N ARG A 231 -7.75 11.66 -0.60
CA ARG A 231 -8.07 12.88 0.14
C ARG A 231 -9.47 12.78 0.73
N ASP A 232 -9.55 12.91 2.05
CA ASP A 232 -10.84 13.03 2.71
C ASP A 232 -11.37 14.44 2.47
N ARG A 233 -12.51 14.55 1.80
CA ARG A 233 -13.02 15.87 1.41
C ARG A 233 -13.39 16.77 2.57
N LYS A 234 -13.93 16.18 3.64
CA LYS A 234 -14.34 16.97 4.80
C LYS A 234 -13.14 17.62 5.49
N SER A 235 -12.19 16.79 5.89
CA SER A 235 -11.05 17.23 6.69
C SER A 235 -9.94 17.83 5.83
N LYS A 236 -9.93 17.48 4.55
CA LYS A 236 -8.85 17.83 3.62
C LYS A 236 -7.56 17.04 3.89
N ASP A 237 -7.61 16.12 4.85
CA ASP A 237 -6.46 15.26 5.12
C ASP A 237 -6.24 14.25 4.01
N CYS A 238 -4.97 13.96 3.75
CA CYS A 238 -4.58 13.07 2.64
C CYS A 238 -3.59 12.04 3.09
N ILE A 239 -3.62 10.89 2.42
CA ILE A 239 -2.51 9.94 2.48
C ILE A 239 -2.06 9.65 1.06
N ILE A 240 -0.78 9.33 0.92
CA ILE A 240 -0.22 8.91 -0.36
C ILE A 240 0.18 7.45 -0.23
N VAL A 241 -0.29 6.62 -1.16
CA VAL A 241 -0.01 5.19 -1.15
C VAL A 241 0.64 4.84 -2.49
N CYS A 242 1.86 4.35 -2.44
CA CYS A 242 2.70 4.26 -3.64
C CYS A 242 2.88 2.85 -4.15
N GLY A 243 2.93 2.74 -5.48
CA GLY A 243 3.46 1.54 -6.11
C GLY A 243 4.97 1.59 -6.19
N ASP A 244 5.56 0.47 -6.61
CA ASP A 244 7.01 0.32 -6.76
C ASP A 244 7.51 1.48 -7.64
N VAL A 245 8.71 1.98 -7.37
CA VAL A 245 9.17 3.19 -8.04
C VAL A 245 10.68 3.30 -7.98
N GLU A 246 11.24 3.93 -9.01
CA GLU A 246 12.66 4.31 -9.03
C GLU A 246 12.76 5.80 -9.35
N GLN A 247 13.91 6.39 -9.04
CA GLN A 247 14.20 7.75 -9.47
C GLN A 247 14.04 7.81 -11.00
N ASP A 248 13.50 8.92 -11.51
CA ASP A 248 13.42 9.09 -12.96
C ASP A 248 14.80 9.08 -13.59
N ARG A 249 14.93 8.38 -14.70
CA ARG A 249 16.22 8.26 -15.39
C ARG A 249 16.56 9.56 -16.10
N ARG A 250 17.68 10.16 -15.65
CA ARG A 250 18.14 11.51 -16.01
C ARG A 250 17.55 12.16 -17.27
N GLU A 251 18.15 11.85 -18.42
CA GLU A 251 17.82 12.53 -19.67
C GLU A 251 16.91 11.72 -20.58
N SER A 252 16.82 10.41 -20.30
CA SER A 252 16.02 9.50 -21.11
C SER A 252 14.54 9.53 -20.74
N GLU A 253 14.20 10.07 -19.57
CA GLU A 253 12.83 10.00 -19.06
C GLU A 253 12.26 11.34 -18.56
N GLU A 254 10.94 11.47 -18.68
CA GLU A 254 10.17 12.54 -18.07
C GLU A 254 10.30 12.50 -16.55
N SER A 255 10.37 13.67 -15.93
CA SER A 255 10.53 13.79 -14.47
C SER A 255 9.19 13.61 -13.76
N LEU A 256 8.64 12.40 -13.86
CA LEU A 256 7.34 12.07 -13.26
C LEU A 256 7.31 12.30 -11.75
N LEU A 257 8.40 11.98 -11.05
CA LEU A 257 8.45 12.24 -9.60
C LEU A 257 8.42 13.72 -9.26
N GLU A 258 9.16 14.54 -10.01
CA GLU A 258 9.14 15.98 -9.78
C GLU A 258 7.72 16.52 -9.98
N GLU A 259 7.04 16.02 -11.01
CA GLU A 259 5.65 16.41 -11.26
C GLU A 259 4.78 16.05 -10.05
N PHE A 260 5.01 14.85 -9.52
CA PHE A 260 4.24 14.41 -8.37
C PHE A 260 4.48 15.28 -7.12
N TRP A 261 5.75 15.46 -6.74
CA TRP A 261 6.03 16.26 -5.56
C TRP A 261 5.55 17.67 -5.69
N SER A 262 5.65 18.23 -6.90
CA SER A 262 5.18 19.58 -7.16
C SER A 262 3.67 19.67 -6.93
N TYR A 263 2.94 18.66 -7.40
CA TYR A 263 1.50 18.63 -7.20
C TYR A 263 1.15 18.56 -5.71
N VAL A 264 1.87 17.71 -4.98
CA VAL A 264 1.64 17.55 -3.55
C VAL A 264 1.90 18.88 -2.81
N ALA A 265 3.06 19.48 -3.06
CA ALA A 265 3.42 20.72 -2.36
C ALA A 265 2.47 21.88 -2.69
N GLU A 266 1.96 21.90 -3.93
CA GLU A 266 1.06 22.98 -4.35
C GLU A 266 -0.33 22.81 -3.77
N ASN A 267 -0.79 21.56 -3.66
CA ASN A 267 -2.20 21.29 -3.37
C ASN A 267 -2.52 20.74 -1.99
N ILE A 268 -1.51 20.23 -1.29
CA ILE A 268 -1.73 19.58 -0.01
C ILE A 268 -0.77 20.17 1.02
N PRO A 269 -1.27 21.06 1.90
CA PRO A 269 -0.39 21.57 2.95
C PRO A 269 0.18 20.40 3.77
N LEU A 270 1.43 20.53 4.20
CA LEU A 270 2.09 19.44 4.93
C LEU A 270 1.27 18.94 6.11
N VAL A 271 0.63 19.86 6.84
CA VAL A 271 -0.17 19.49 8.00
C VAL A 271 -1.33 18.54 7.63
N HIS A 272 -1.79 18.62 6.38
CA HIS A 272 -2.83 17.73 5.85
C HIS A 272 -2.31 16.44 5.28
N LEU A 273 -0.99 16.31 5.12
CA LEU A 273 -0.41 15.08 4.60
C LEU A 273 -0.13 14.16 5.77
N LYS A 274 -1.01 13.17 5.97
CA LYS A 274 -0.99 12.36 7.19
C LYS A 274 -0.07 11.17 7.11
N GLY A 275 0.39 10.84 5.90
CA GLY A 275 1.31 9.73 5.75
C GLY A 275 1.60 9.49 4.29
N ILE A 276 2.80 8.95 4.05
CA ILE A 276 3.16 8.42 2.74
C ILE A 276 3.66 7.00 2.93
N LEU A 277 3.03 6.07 2.21
CA LEU A 277 3.45 4.67 2.20
C LEU A 277 4.25 4.47 0.92
N VAL A 278 5.55 4.31 1.08
CA VAL A 278 6.44 4.32 -0.08
C VAL A 278 7.54 3.29 0.13
N GLU A 279 7.97 2.65 -0.95
CA GLU A 279 8.94 1.60 -0.84
C GLU A 279 10.34 2.07 -0.46
N CYS A 280 11.06 1.18 0.19
CA CYS A 280 12.51 1.20 0.13
C CYS A 280 12.93 -0.26 0.04
N SER A 281 12.96 -0.80 -1.18
CA SER A 281 13.14 -2.24 -1.34
C SER A 281 14.47 -2.75 -0.82
N CYS A 282 15.51 -1.93 -0.97
CA CYS A 282 16.89 -2.37 -0.75
C CYS A 282 17.64 -1.45 0.18
N PRO A 283 18.62 -1.99 0.93
CA PRO A 283 19.50 -1.17 1.76
C PRO A 283 20.56 -0.47 0.92
N LEU A 284 21.39 0.34 1.55
CA LEU A 284 22.47 1.03 0.85
C LEU A 284 23.48 0.13 0.17
N SER A 285 23.71 -1.06 0.73
CA SER A 285 24.71 -1.99 0.18
C SER A 285 24.35 -2.45 -1.24
N SER A 286 23.10 -2.18 -1.61
CA SER A 286 22.52 -2.39 -2.94
C SER A 286 23.31 -3.16 -3.99
N LYS A 287 23.02 -4.45 -4.08
CA LYS A 287 23.45 -5.27 -5.21
C LYS A 287 22.55 -4.88 -6.39
N PRO A 288 23.16 -4.50 -7.53
CA PRO A 288 22.46 -3.89 -8.68
C PRO A 288 21.19 -4.62 -9.11
N GLU A 289 21.24 -5.96 -9.16
CA GLU A 289 20.15 -6.81 -9.65
C GLU A 289 18.86 -6.69 -8.84
N GLN A 290 18.98 -6.58 -7.52
CA GLN A 290 17.83 -6.47 -6.64
C GLN A 290 17.24 -5.05 -6.62
N LEU A 291 18.08 -4.06 -6.93
CA LEU A 291 17.69 -2.64 -6.88
C LEU A 291 16.96 -2.11 -8.13
N TYR A 292 17.13 -2.77 -9.27
CA TYR A 292 16.49 -2.34 -10.53
C TYR A 292 14.98 -2.07 -10.43
N GLY A 293 14.60 -0.83 -10.74
CA GLY A 293 13.21 -0.38 -10.69
C GLY A 293 12.74 0.06 -9.31
N HIS A 294 13.67 0.15 -8.35
CA HIS A 294 13.32 0.37 -6.94
C HIS A 294 14.13 1.45 -6.31
N LEU A 295 13.84 1.71 -5.04
CA LEU A 295 14.57 2.66 -4.23
C LEU A 295 15.49 1.98 -3.24
N SER A 296 16.57 2.69 -2.90
CA SER A 296 17.39 2.40 -1.73
C SER A 296 17.35 3.67 -0.88
N PRO A 297 17.93 3.63 0.35
CA PRO A 297 17.74 4.77 1.23
C PRO A 297 18.21 6.12 0.68
N ILE A 298 19.31 6.15 -0.07
CA ILE A 298 19.77 7.43 -0.61
C ILE A 298 18.78 7.98 -1.64
N TYR A 299 18.20 7.12 -2.45
CA TYR A 299 17.25 7.56 -3.46
C TYR A 299 15.92 8.00 -2.84
N LEU A 300 15.45 7.27 -1.83
CA LEU A 300 14.22 7.68 -1.15
C LEU A 300 14.43 9.02 -0.44
N ILE A 301 15.53 9.16 0.28
CA ILE A 301 15.82 10.44 0.94
C ILE A 301 15.98 11.58 -0.06
N ASN A 302 16.58 11.32 -1.22
CA ASN A 302 16.69 12.34 -2.26
C ASN A 302 15.31 12.83 -2.71
N GLU A 303 14.38 11.90 -2.87
CA GLU A 303 13.01 12.25 -3.26
C GLU A 303 12.30 13.06 -2.19
N LEU A 304 12.43 12.63 -0.94
CA LEU A 304 11.86 13.37 0.18
C LEU A 304 12.48 14.76 0.31
N SER A 305 13.78 14.86 0.01
CA SER A 305 14.46 16.16 -0.02
C SER A 305 13.86 17.09 -1.08
N ASN A 306 13.52 16.53 -2.24
CA ASN A 306 12.86 17.29 -3.29
C ASN A 306 11.51 17.82 -2.82
N LEU A 307 10.74 16.98 -2.14
CA LEU A 307 9.47 17.42 -1.57
C LEU A 307 9.70 18.52 -0.54
N ASN A 308 10.71 18.32 0.31
CA ASN A 308 11.08 19.31 1.31
C ASN A 308 11.39 20.68 0.69
N THR A 309 12.18 20.67 -0.38
CA THR A 309 12.55 21.90 -1.07
C THR A 309 11.31 22.62 -1.59
N LEU A 310 10.35 21.85 -2.10
CA LEU A 310 9.12 22.42 -2.64
C LEU A 310 8.22 23.02 -1.56
N TYR A 311 8.10 22.36 -0.41
CA TYR A 311 7.34 22.93 0.69
C TYR A 311 8.04 24.18 1.24
N ASN A 312 9.37 24.16 1.21
CA ASN A 312 10.17 25.36 1.48
C ASN A 312 10.00 25.94 2.88
N SER A 313 10.01 25.08 3.89
CA SER A 313 9.90 25.49 5.28
C SER A 313 11.20 25.24 6.03
N SER A 314 11.52 26.15 6.94
CA SER A 314 12.66 25.95 7.83
C SER A 314 12.44 24.78 8.78
N LYS A 315 11.19 24.33 8.92
CA LYS A 315 10.83 23.19 9.76
C LYS A 315 11.02 21.85 9.03
N GLY A 316 11.44 21.91 7.77
CA GLY A 316 11.64 20.71 6.96
C GLY A 316 10.35 19.95 6.79
N LEU A 317 10.42 18.62 6.94
CA LEU A 317 9.24 17.77 6.85
C LEU A 317 8.76 17.35 8.24
N SER A 318 8.94 18.25 9.21
CA SER A 318 8.58 17.94 10.58
C SER A 318 7.13 17.49 10.68
N GLY A 319 6.92 16.35 11.35
CA GLY A 319 5.59 15.80 11.55
C GLY A 319 5.13 14.79 10.50
N LEU A 320 5.85 14.72 9.38
CA LEU A 320 5.46 13.80 8.31
C LEU A 320 5.75 12.35 8.68
N ASN A 321 4.73 11.49 8.56
CA ASN A 321 4.92 10.06 8.73
C ASN A 321 5.25 9.39 7.42
N VAL A 322 6.43 8.80 7.37
CA VAL A 322 6.87 8.02 6.21
C VAL A 322 6.83 6.56 6.63
N ILE A 323 5.99 5.79 5.93
CA ILE A 323 5.77 4.37 6.22
C ILE A 323 6.42 3.60 5.10
N VAL A 324 7.51 2.90 5.41
CA VAL A 324 8.34 2.25 4.40
C VAL A 324 7.80 0.86 4.10
N THR A 325 7.58 0.60 2.82
CA THR A 325 6.96 -0.64 2.35
C THR A 325 7.89 -1.42 1.44
N HIS A 326 7.49 -2.64 1.11
CA HIS A 326 8.10 -3.41 0.02
C HIS A 326 9.55 -3.72 0.25
N VAL A 327 9.95 -3.88 1.51
CA VAL A 327 11.33 -4.27 1.77
C VAL A 327 11.54 -5.72 1.33
N LYS A 328 12.60 -5.95 0.58
CA LYS A 328 12.90 -7.29 0.09
C LYS A 328 13.66 -8.13 1.11
N SER A 329 13.45 -9.43 1.09
CA SER A 329 14.35 -10.34 1.83
C SER A 329 15.71 -10.31 1.17
N THR A 330 16.72 -10.68 1.94
CA THR A 330 18.06 -10.80 1.43
C THR A 330 18.73 -11.82 2.34
N PRO A 331 19.72 -12.57 1.81
CA PRO A 331 20.42 -13.51 2.69
C PRO A 331 21.49 -12.80 3.52
N ALA A 332 21.05 -11.81 4.29
CA ALA A 332 21.91 -11.00 5.15
C ALA A 332 21.81 -11.45 6.60
N LYS A 333 22.78 -11.03 7.41
CA LYS A 333 22.79 -11.40 8.82
C LYS A 333 21.69 -10.69 9.60
N ARG A 334 21.40 -9.44 9.22
CA ARG A 334 20.44 -8.61 9.94
C ARG A 334 19.22 -8.31 9.08
N ASP A 335 18.06 -8.26 9.72
CA ASP A 335 16.80 -7.93 9.07
C ASP A 335 16.96 -6.63 8.27
N PRO A 336 16.75 -6.69 6.94
CA PRO A 336 16.98 -5.49 6.14
C PRO A 336 16.02 -4.36 6.48
N ARG A 337 14.87 -4.67 7.06
CA ARG A 337 13.98 -3.62 7.49
C ARG A 337 14.63 -2.76 8.58
N LEU A 338 15.38 -3.39 9.47
CA LEU A 338 16.11 -2.66 10.50
C LEU A 338 17.25 -1.85 9.92
N THR A 339 18.02 -2.46 9.02
CA THR A 339 19.11 -1.78 8.34
C THR A 339 18.59 -0.54 7.61
N ILE A 340 17.53 -0.72 6.83
CA ILE A 340 16.95 0.36 6.06
C ILE A 340 16.40 1.46 6.94
N LEU A 341 15.71 1.11 8.02
CA LEU A 341 15.17 2.13 8.92
C LEU A 341 16.29 2.99 9.50
N GLU A 342 17.38 2.34 9.91
CA GLU A 342 18.52 3.07 10.47
C GLU A 342 19.17 3.98 9.44
N GLU A 343 19.34 3.45 8.23
CA GLU A 343 19.94 4.20 7.14
C GLU A 343 19.10 5.40 6.73
N LEU A 344 17.78 5.22 6.64
CA LEU A 344 16.88 6.32 6.32
C LEU A 344 16.92 7.40 7.38
N ARG A 345 16.89 7.00 8.65
CA ARG A 345 16.91 7.98 9.74
C ARG A 345 18.21 8.77 9.77
N PHE A 346 19.32 8.07 9.55
CA PHE A 346 20.64 8.71 9.51
C PHE A 346 20.71 9.73 8.38
N LEU A 347 20.27 9.31 7.19
CA LEU A 347 20.33 10.17 6.01
C LEU A 347 19.37 11.35 6.11
N ALA A 348 18.20 11.12 6.71
CA ALA A 348 17.24 12.21 6.92
C ALA A 348 17.84 13.29 7.81
N GLU A 349 18.52 12.88 8.88
CA GLU A 349 19.19 13.81 9.79
C GLU A 349 20.31 14.54 9.06
N GLU A 350 21.10 13.81 8.28
CA GLU A 350 22.21 14.38 7.50
C GLU A 350 21.70 15.42 6.52
N ARG A 351 20.51 15.18 5.95
CA ARG A 351 19.88 16.11 5.01
C ARG A 351 19.01 17.16 5.69
N ASN A 352 19.03 17.20 7.03
CA ASN A 352 18.25 18.16 7.82
C ASN A 352 16.79 18.23 7.40
N LEU A 353 16.13 17.08 7.37
CA LEU A 353 14.73 17.02 6.96
C LEU A 353 13.76 17.27 8.13
N GLY A 354 14.30 17.54 9.31
CA GLY A 354 13.46 17.88 10.44
C GLY A 354 12.89 16.66 11.12
N ASP A 355 11.77 16.88 11.81
CA ASP A 355 11.14 15.87 12.65
C ASP A 355 10.31 14.91 11.80
N LEU A 356 10.98 14.30 10.83
CA LEU A 356 10.42 13.26 9.97
C LEU A 356 10.29 11.98 10.77
N ARG A 357 9.13 11.33 10.71
CA ARG A 357 8.86 10.13 11.49
C ARG A 357 8.79 8.93 10.56
N ILE A 358 9.81 8.09 10.62
CA ILE A 358 9.96 6.96 9.71
C ILE A 358 9.67 5.66 10.44
N SER A 359 8.80 4.85 9.84
CA SER A 359 8.44 3.54 10.36
C SER A 359 8.42 2.54 9.21
N ILE A 360 8.69 1.28 9.52
CA ILE A 360 8.49 0.19 8.55
C ILE A 360 7.05 -0.28 8.65
N ALA A 361 6.40 -0.48 7.50
CA ALA A 361 5.07 -1.09 7.46
C ALA A 361 5.14 -2.53 7.93
N LEU A 362 4.29 -2.88 8.89
CA LEU A 362 4.25 -4.23 9.45
C LEU A 362 2.92 -4.92 9.19
N GLU A 363 2.98 -6.05 8.51
CA GLU A 363 1.79 -6.83 8.22
C GLU A 363 1.06 -7.16 9.50
N GLY A 364 -0.26 -7.27 9.41
CA GLY A 364 -1.05 -7.68 10.56
C GLY A 364 -1.32 -6.56 11.55
N HIS A 365 -1.12 -5.32 11.11
CA HIS A 365 -1.33 -4.13 11.96
C HIS A 365 -2.15 -3.12 11.24
N THR A 366 -2.78 -2.24 12.01
CA THR A 366 -3.55 -1.13 11.50
C THR A 366 -2.89 0.17 11.97
N LEU A 367 -2.73 1.09 11.03
CA LEU A 367 -2.23 2.44 11.31
C LEU A 367 -3.39 3.40 11.35
N PHE A 368 -3.30 4.39 12.24
CA PHE A 368 -4.35 5.38 12.41
C PHE A 368 -3.71 6.72 12.15
N LEU A 369 -4.04 7.33 11.00
CA LEU A 369 -3.35 8.54 10.55
C LEU A 369 -4.29 9.69 10.26
#